data_7S9F
#
_entry.id   7S9F
#
_cell.length_a   70.280
_cell.length_b   89.668
_cell.length_c   97.948
_cell.angle_alpha   90.000
_cell.angle_beta   90.000
_cell.angle_gamma   90.000
#
_symmetry.space_group_name_H-M   'I 2 2 2'
#
loop_
_entity.id
_entity.type
_entity.pdbx_description
1 polymer 'Heat shock protein HSP 90-alpha'
2 non-polymer 6-chloro-9-[(4-methoxy-3,5-dimethylpyridin-2-yl)methyl]-9H-purin-2-amine
3 non-polymer 'MAGNESIUM ION'
4 water water
#
_entity_poly.entity_id   1
_entity_poly.type   'polypeptide(L)'
_entity_poly.pdbx_seq_one_letter_code
;HMPEETQTQDQPMEEEEVETFAFQAEIAQLMSLIINTFYSNKEIFLRELISNSSDALDKIRYESLTDPSKLDSGKELHIN
LIPNKQDRTLTIVDTGIGMTKADLINNLGTIAKSGTKAFMEALQAGADISMIGQFGVGFYSAYLVAEKVTVITKHNDDEQ
YAWESSAGGSFTVRTDTGEPMGRGTKVILHLKEDQTEYLEERRIKEIVKKHSQFIGYPITLFVEKERDKEVSDDEAE
;
_entity_poly.pdbx_strand_id   A
#
loop_
_chem_comp.id
_chem_comp.type
_chem_comp.name
_chem_comp.formula
94M non-polymer 6-chloro-9-[(4-methoxy-3,5-dimethylpyridin-2-yl)methyl]-9H-purin-2-amine 'C14 H15 Cl N6 O'
MG non-polymer 'MAGNESIUM ION' 'Mg 2'
#
# COMPACT_ATOMS: atom_id res chain seq x y z
N PRO A 12 4.54 20.94 19.22
CA PRO A 12 3.49 21.95 19.26
C PRO A 12 2.14 21.34 18.84
N MET A 13 2.11 20.78 17.64
CA MET A 13 0.91 20.16 17.09
C MET A 13 -0.21 21.18 16.91
N GLU A 14 0.14 22.45 16.71
CA GLU A 14 -0.82 23.49 16.39
C GLU A 14 -1.01 23.67 14.89
N GLU A 15 -0.76 22.63 14.10
CA GLU A 15 -0.90 22.69 12.65
C GLU A 15 -2.33 22.31 12.30
N GLU A 16 -3.16 23.31 11.98
CA GLU A 16 -4.55 23.05 11.64
C GLU A 16 -4.69 22.20 10.38
N GLU A 17 -3.64 22.13 9.57
CA GLU A 17 -3.70 21.36 8.33
C GLU A 17 -3.54 19.86 8.55
N VAL A 18 -2.99 19.44 9.68
CA VAL A 18 -2.75 18.04 9.98
C VAL A 18 -3.73 17.60 11.07
N GLU A 19 -4.45 16.51 10.79
CA GLU A 19 -5.37 15.91 11.75
C GLU A 19 -4.85 14.52 12.13
N THR A 20 -5.08 14.15 13.39
CA THR A 20 -4.61 12.88 13.93
C THR A 20 -5.82 12.03 14.33
N PHE A 21 -5.80 10.76 13.92
CA PHE A 21 -6.87 9.82 14.19
C PHE A 21 -6.29 8.57 14.83
N ALA A 22 -7.13 7.86 15.58
CA ALA A 22 -6.78 6.58 16.17
C ALA A 22 -7.29 5.46 15.28
N PHE A 23 -6.43 4.47 15.04
CA PHE A 23 -6.86 3.28 14.31
C PHE A 23 -8.03 2.61 15.03
N GLN A 24 -8.84 1.89 14.27
CA GLN A 24 -9.86 1.06 14.88
CA GLN A 24 -9.85 1.05 14.88
C GLN A 24 -9.19 -0.02 15.72
N ALA A 25 -9.78 -0.30 16.89
CA ALA A 25 -9.15 -1.18 17.86
C ALA A 25 -8.61 -2.46 17.22
N GLU A 26 -9.43 -3.10 16.38
CA GLU A 26 -8.99 -4.34 15.74
C GLU A 26 -7.77 -4.11 14.88
N ILE A 27 -7.69 -2.96 14.21
CA ILE A 27 -6.61 -2.72 13.27
C ILE A 27 -5.32 -2.37 14.00
N ALA A 28 -5.42 -1.58 15.08
CA ALA A 28 -4.24 -1.32 15.89
C ALA A 28 -3.68 -2.62 16.46
N GLN A 29 -4.56 -3.54 16.85
N GLN A 29 -4.55 -3.56 16.83
CA GLN A 29 -4.11 -4.85 17.35
CA GLN A 29 -4.09 -4.83 17.35
C GLN A 29 -3.35 -5.60 16.26
C GLN A 29 -3.37 -5.64 16.27
N LEU A 30 -3.91 -5.64 15.05
CA LEU A 30 -3.26 -6.36 13.95
C LEU A 30 -1.89 -5.78 13.65
N MET A 31 -1.76 -4.45 13.71
CA MET A 31 -0.47 -3.82 13.39
C MET A 31 0.57 -4.17 14.44
N SER A 32 0.20 -4.14 15.72
CA SER A 32 1.15 -4.52 16.77
C SER A 32 1.56 -5.98 16.63
N LEU A 33 0.60 -6.85 16.31
CA LEU A 33 0.92 -8.26 16.10
C LEU A 33 1.91 -8.44 14.95
N ILE A 34 1.69 -7.73 13.84
CA ILE A 34 2.58 -7.83 12.70
C ILE A 34 3.97 -7.31 13.05
N ILE A 35 4.04 -6.25 13.84
CA ILE A 35 5.32 -5.61 14.13
C ILE A 35 6.17 -6.48 15.03
N ASN A 36 5.54 -7.17 15.98
CA ASN A 36 6.28 -7.83 17.06
C ASN A 36 6.49 -9.32 16.85
N THR A 37 5.68 -9.97 16.01
CA THR A 37 5.84 -11.40 15.80
C THR A 37 7.17 -11.70 15.11
N PHE A 38 7.83 -12.77 15.56
CA PHE A 38 9.03 -13.26 14.88
C PHE A 38 8.60 -14.04 13.64
N TYR A 39 8.78 -13.45 12.46
CA TYR A 39 8.35 -14.06 11.22
C TYR A 39 9.37 -13.69 10.14
N SER A 40 10.02 -14.70 9.57
CA SER A 40 11.15 -14.48 8.68
C SER A 40 10.74 -14.27 7.22
N ASN A 41 9.59 -14.81 6.81
CA ASN A 41 9.15 -14.75 5.41
C ASN A 41 8.48 -13.41 5.13
N LYS A 42 9.27 -12.34 5.22
CA LYS A 42 8.76 -10.99 5.14
C LYS A 42 8.51 -10.51 3.70
N GLU A 43 9.07 -11.19 2.70
CA GLU A 43 8.98 -10.70 1.33
C GLU A 43 7.55 -10.61 0.82
N ILE A 44 6.60 -11.27 1.48
CA ILE A 44 5.23 -11.28 1.00
C ILE A 44 4.61 -9.88 1.00
N PHE A 45 5.20 -8.94 1.73
CA PHE A 45 4.65 -7.59 1.77
C PHE A 45 4.57 -6.98 0.38
N LEU A 46 5.58 -7.25 -0.46
CA LEU A 46 5.62 -6.64 -1.78
C LEU A 46 4.53 -7.21 -2.69
N ARG A 47 4.26 -8.51 -2.56
CA ARG A 47 3.18 -9.11 -3.34
C ARG A 47 1.83 -8.50 -2.96
N GLU A 48 1.59 -8.29 -1.67
CA GLU A 48 0.31 -7.75 -1.23
C GLU A 48 0.10 -6.33 -1.73
N LEU A 49 1.16 -5.51 -1.75
CA LEU A 49 1.02 -4.14 -2.22
C LEU A 49 0.85 -4.09 -3.74
N ILE A 50 1.55 -4.96 -4.46
CA ILE A 50 1.39 -5.00 -5.91
C ILE A 50 -0.01 -5.49 -6.27
N SER A 51 -0.55 -6.43 -5.49
CA SER A 51 -1.93 -6.85 -5.71
C SER A 51 -2.90 -5.70 -5.50
N ASN A 52 -2.67 -4.88 -4.48
CA ASN A 52 -3.55 -3.74 -4.22
C ASN A 52 -3.53 -2.77 -5.38
N SER A 53 -2.35 -2.52 -5.96
CA SER A 53 -2.26 -1.62 -7.09
C SER A 53 -2.98 -2.19 -8.31
N SER A 54 -2.86 -3.49 -8.53
CA SER A 54 -3.57 -4.11 -9.63
C SER A 54 -5.08 -3.99 -9.47
N ASP A 55 -5.57 -4.20 -8.25
CA ASP A 55 -7.00 -3.99 -7.98
C ASP A 55 -7.39 -2.54 -8.26
N ALA A 56 -6.58 -1.59 -7.80
CA ALA A 56 -6.89 -0.18 -8.01
C ALA A 56 -6.94 0.15 -9.50
N LEU A 57 -6.04 -0.45 -10.29
CA LEU A 57 -6.01 -0.18 -11.72
C LEU A 57 -7.19 -0.85 -12.43
N ASP A 58 -7.58 -2.05 -11.97
CA ASP A 58 -8.76 -2.70 -12.54
C ASP A 58 -10.00 -1.82 -12.37
N LYS A 59 -10.11 -1.12 -11.24
N LYS A 59 -10.10 -1.12 -11.25
CA LYS A 59 -11.30 -0.35 -10.96
CA LYS A 59 -11.31 -0.35 -10.96
C LYS A 59 -11.42 0.87 -11.88
C LYS A 59 -11.42 0.87 -11.88
N ILE A 60 -10.33 1.61 -12.04
CA ILE A 60 -10.39 2.80 -12.88
C ILE A 60 -10.55 2.41 -14.34
N ARG A 61 -9.94 1.30 -14.75
CA ARG A 61 -10.12 0.82 -16.12
C ARG A 61 -11.57 0.41 -16.37
N TYR A 62 -12.20 -0.23 -15.38
CA TYR A 62 -13.59 -0.66 -15.55
C TYR A 62 -14.53 0.53 -15.55
N GLU A 63 -14.31 1.50 -14.66
CA GLU A 63 -15.17 2.68 -14.64
C GLU A 63 -15.08 3.46 -15.94
N SER A 64 -13.89 3.48 -16.57
CA SER A 64 -13.69 4.24 -17.79
C SER A 64 -14.40 3.63 -18.99
N LEU A 65 -14.86 2.39 -18.90
CA LEU A 65 -15.58 1.79 -20.02
C LEU A 65 -16.92 2.48 -20.26
N THR A 66 -17.54 3.01 -19.20
CA THR A 66 -18.80 3.73 -19.32
C THR A 66 -18.64 5.25 -19.25
N ASP A 67 -17.47 5.73 -18.84
CA ASP A 67 -17.22 7.17 -18.74
C ASP A 67 -15.76 7.42 -19.06
N PRO A 68 -15.44 7.61 -20.34
CA PRO A 68 -14.02 7.80 -20.71
C PRO A 68 -13.38 9.04 -20.10
N SER A 69 -14.16 9.99 -19.59
CA SER A 69 -13.58 11.18 -18.99
C SER A 69 -12.87 10.88 -17.68
N LYS A 70 -13.07 9.70 -17.10
CA LYS A 70 -12.35 9.33 -15.88
C LYS A 70 -10.86 9.18 -16.12
N LEU A 71 -10.44 9.02 -17.38
CA LEU A 71 -9.03 8.93 -17.71
C LEU A 71 -8.44 10.26 -18.14
N ASP A 72 -9.22 11.34 -18.09
N ASP A 72 -9.22 11.34 -18.09
CA ASP A 72 -8.67 12.66 -18.37
CA ASP A 72 -8.66 12.66 -18.39
C ASP A 72 -7.50 12.99 -17.46
C ASP A 72 -7.50 12.99 -17.46
N SER A 73 -7.47 12.39 -16.27
CA SER A 73 -6.38 12.58 -15.32
C SER A 73 -5.18 11.67 -15.61
N GLY A 74 -5.19 10.97 -16.74
CA GLY A 74 -4.08 10.10 -17.10
C GLY A 74 -4.53 8.81 -17.76
N LYS A 75 -4.09 8.59 -19.00
N LYS A 75 -4.09 8.59 -19.01
CA LYS A 75 -4.45 7.37 -19.71
CA LYS A 75 -4.44 7.38 -19.72
C LYS A 75 -3.53 6.21 -19.35
C LYS A 75 -3.53 6.21 -19.34
N GLU A 76 -2.30 6.51 -18.93
N GLU A 76 -2.29 6.49 -18.96
CA GLU A 76 -1.34 5.45 -18.60
CA GLU A 76 -1.35 5.44 -18.63
C GLU A 76 -1.81 4.66 -17.38
C GLU A 76 -1.82 4.66 -17.39
N LEU A 77 -1.65 3.34 -17.43
CA LEU A 77 -2.05 2.45 -16.35
C LEU A 77 -0.89 1.49 -16.10
N HIS A 78 -0.13 1.72 -15.03
CA HIS A 78 1.09 0.95 -14.80
C HIS A 78 1.43 0.97 -13.31
N ILE A 79 2.49 0.23 -12.97
CA ILE A 79 3.03 0.16 -11.61
C ILE A 79 4.53 0.36 -11.72
N ASN A 80 5.08 1.18 -10.82
CA ASN A 80 6.51 1.42 -10.74
C ASN A 80 7.02 1.14 -9.35
N LEU A 81 8.20 0.52 -9.27
CA LEU A 81 8.87 0.21 -8.02
C LEU A 81 10.18 0.98 -7.97
N ILE A 82 10.39 1.74 -6.90
CA ILE A 82 11.49 2.70 -6.84
C ILE A 82 12.26 2.55 -5.54
N PRO A 83 13.35 1.79 -5.52
CA PRO A 83 14.21 1.77 -4.33
C PRO A 83 15.12 2.99 -4.27
N ASN A 84 15.39 3.43 -3.05
CA ASN A 84 16.27 4.57 -2.80
C ASN A 84 17.17 4.22 -1.62
N LYS A 85 18.41 3.82 -1.92
CA LYS A 85 19.31 3.39 -0.86
C LYS A 85 19.72 4.55 0.05
N GLN A 86 19.80 5.77 -0.50
N GLN A 86 19.81 5.77 -0.50
CA GLN A 86 20.22 6.91 0.31
CA GLN A 86 20.22 6.91 0.31
C GLN A 86 19.19 7.22 1.40
C GLN A 86 19.19 7.22 1.40
N ASP A 87 17.92 7.34 1.01
CA ASP A 87 16.86 7.58 1.98
C ASP A 87 16.34 6.31 2.62
N ARG A 88 16.76 5.14 2.13
CA ARG A 88 16.32 3.85 2.66
C ARG A 88 14.81 3.71 2.54
N THR A 89 14.28 4.00 1.36
CA THR A 89 12.86 3.91 1.08
C THR A 89 12.62 3.07 -0.16
N LEU A 90 11.54 2.31 -0.15
CA LEU A 90 11.04 1.58 -1.32
C LEU A 90 9.63 2.08 -1.61
N THR A 91 9.44 2.64 -2.80
CA THR A 91 8.20 3.31 -3.15
C THR A 91 7.49 2.53 -4.25
N ILE A 92 6.21 2.21 -4.02
CA ILE A 92 5.36 1.54 -4.99
C ILE A 92 4.36 2.56 -5.51
N VAL A 93 4.41 2.83 -6.81
CA VAL A 93 3.56 3.84 -7.44
C VAL A 93 2.62 3.15 -8.41
N ASP A 94 1.35 3.57 -8.42
CA ASP A 94 0.37 3.10 -9.39
C ASP A 94 -0.51 4.27 -9.81
N THR A 95 -1.13 4.13 -10.97
CA THR A 95 -2.04 5.13 -11.51
C THR A 95 -3.48 4.63 -11.46
N GLY A 96 -3.83 3.94 -10.37
CA GLY A 96 -5.16 3.41 -10.19
C GLY A 96 -6.16 4.49 -9.80
N ILE A 97 -7.28 4.05 -9.24
CA ILE A 97 -8.38 4.96 -8.94
C ILE A 97 -8.04 5.92 -7.82
N GLY A 98 -7.09 5.58 -6.96
CA GLY A 98 -6.73 6.43 -5.84
C GLY A 98 -7.72 6.30 -4.69
N MET A 99 -7.48 7.12 -3.66
CA MET A 99 -8.29 7.10 -2.44
C MET A 99 -8.74 8.51 -2.09
N THR A 100 -9.99 8.62 -1.64
CA THR A 100 -10.57 9.87 -1.18
C THR A 100 -10.25 10.10 0.29
N LYS A 101 -10.61 11.28 0.78
CA LYS A 101 -10.41 11.57 2.21
C LYS A 101 -11.25 10.62 3.07
N ALA A 102 -12.50 10.37 2.66
CA ALA A 102 -13.34 9.45 3.41
C ALA A 102 -12.73 8.06 3.47
N ASP A 103 -12.13 7.60 2.38
CA ASP A 103 -11.47 6.30 2.38
C ASP A 103 -10.37 6.26 3.44
N LEU A 104 -9.54 7.30 3.50
CA LEU A 104 -8.39 7.29 4.38
C LEU A 104 -8.78 7.32 5.85
N ILE A 105 -9.88 7.99 6.19
CA ILE A 105 -10.27 8.18 7.57
C ILE A 105 -11.29 7.13 8.02
N ASN A 106 -12.28 6.83 7.19
N ASN A 106 -12.26 6.81 7.18
CA ASN A 106 -13.42 6.01 7.62
CA ASN A 106 -13.41 6.00 7.59
C ASN A 106 -13.54 4.71 6.86
C ASN A 106 -13.53 4.69 6.82
N ASN A 107 -13.70 4.76 5.53
N ASN A 107 -13.71 4.76 5.49
CA ASN A 107 -14.25 3.62 4.80
CA ASN A 107 -14.26 3.61 4.77
C ASN A 107 -13.28 2.44 4.77
C ASN A 107 -13.28 2.43 4.75
N LEU A 108 -11.99 2.70 4.60
CA LEU A 108 -11.04 1.60 4.50
C LEU A 108 -10.97 0.82 5.81
N GLY A 109 -10.96 1.51 6.95
CA GLY A 109 -10.95 0.81 8.22
C GLY A 109 -12.25 0.08 8.49
N THR A 110 -13.38 0.71 8.16
CA THR A 110 -14.67 0.07 8.38
C THR A 110 -14.80 -1.23 7.59
N ILE A 111 -14.46 -1.19 6.30
CA ILE A 111 -14.56 -2.37 5.45
C ILE A 111 -13.59 -3.46 5.90
N ALA A 112 -12.52 -3.09 6.60
CA ALA A 112 -11.50 -4.04 7.02
C ALA A 112 -11.78 -4.66 8.38
N LYS A 113 -12.75 -4.14 9.13
CA LYS A 113 -13.01 -4.63 10.49
C LYS A 113 -13.22 -6.15 10.50
N SER A 114 -14.10 -6.64 9.64
N SER A 114 -14.10 -6.64 9.64
CA SER A 114 -14.45 -8.06 9.68
CA SER A 114 -14.45 -8.06 9.68
C SER A 114 -13.27 -8.95 9.29
C SER A 114 -13.27 -8.93 9.29
N GLY A 115 -12.54 -8.57 8.23
CA GLY A 115 -11.40 -9.37 7.81
C GLY A 115 -10.29 -9.39 8.83
N THR A 116 -10.09 -8.28 9.53
CA THR A 116 -9.03 -8.22 10.54
C THR A 116 -9.34 -9.18 11.69
N LYS A 117 -10.57 -9.14 12.21
CA LYS A 117 -10.94 -10.04 13.30
C LYS A 117 -10.74 -11.49 12.89
N ALA A 118 -11.22 -11.86 11.70
CA ALA A 118 -11.09 -13.25 11.26
C ALA A 118 -9.63 -13.66 11.11
N PHE A 119 -8.80 -12.77 10.55
CA PHE A 119 -7.39 -13.09 10.36
C PHE A 119 -6.72 -13.39 11.69
N MET A 120 -7.12 -12.67 12.75
CA MET A 120 -6.51 -12.88 14.06
C MET A 120 -6.88 -14.23 14.64
N GLU A 121 -8.11 -14.69 14.37
CA GLU A 121 -8.51 -16.02 14.80
C GLU A 121 -7.71 -17.09 14.06
N ALA A 122 -7.57 -16.95 12.74
CA ALA A 122 -6.79 -17.91 11.97
C ALA A 122 -5.37 -18.01 12.51
N LEU A 123 -4.74 -16.88 12.81
CA LEU A 123 -3.39 -16.90 13.36
C LEU A 123 -3.35 -17.64 14.69
N GLN A 124 -4.26 -17.31 15.60
CA GLN A 124 -4.38 -18.00 16.88
C GLN A 124 -5.14 -19.32 16.70
N ALA A 125 -4.59 -20.16 15.82
N ALA A 125 -4.59 -20.16 15.82
CA ALA A 125 -5.21 -21.44 15.50
CA ALA A 125 -5.21 -21.43 15.49
C ALA A 125 -4.27 -22.31 14.67
C ALA A 125 -4.27 -22.30 14.67
N GLY A 126 -3.47 -21.67 13.81
CA GLY A 126 -2.52 -22.40 12.99
C GLY A 126 -2.00 -21.61 11.81
N ALA A 127 -2.91 -20.96 11.08
CA ALA A 127 -2.54 -20.23 9.87
C ALA A 127 -1.37 -19.28 10.16
N ASP A 128 -0.56 -19.05 9.13
CA ASP A 128 0.59 -18.16 9.24
C ASP A 128 0.29 -16.84 8.53
N ILE A 129 1.22 -15.88 8.71
CA ILE A 129 1.00 -14.51 8.28
C ILE A 129 0.87 -14.39 6.77
N SER A 130 1.41 -15.33 6.00
CA SER A 130 1.41 -15.21 4.55
C SER A 130 0.00 -15.18 3.96
N MET A 131 -1.01 -15.59 4.72
CA MET A 131 -2.38 -15.63 4.25
C MET A 131 -3.14 -14.34 4.52
N ILE A 132 -2.44 -13.28 4.93
CA ILE A 132 -3.12 -12.02 5.25
C ILE A 132 -3.93 -11.52 4.06
N GLY A 133 -3.43 -11.74 2.84
CA GLY A 133 -4.14 -11.25 1.66
C GLY A 133 -5.48 -11.92 1.45
N GLN A 134 -5.63 -13.16 1.92
CA GLN A 134 -6.91 -13.84 1.79
C GLN A 134 -8.01 -13.17 2.61
N PHE A 135 -7.65 -12.38 3.62
CA PHE A 135 -8.61 -11.67 4.44
C PHE A 135 -8.77 -10.21 4.03
N GLY A 136 -8.12 -9.78 2.95
CA GLY A 136 -8.33 -8.45 2.42
C GLY A 136 -7.66 -7.32 3.18
N VAL A 137 -6.65 -7.62 4.01
CA VAL A 137 -5.97 -6.58 4.78
C VAL A 137 -4.47 -6.68 4.54
N GLY A 138 -4.07 -6.97 3.30
CA GLY A 138 -2.67 -7.18 2.99
C GLY A 138 -1.81 -5.95 3.16
N PHE A 139 -2.40 -4.75 2.98
CA PHE A 139 -1.64 -3.52 3.10
C PHE A 139 -0.81 -3.49 4.38
N TYR A 140 -1.43 -3.88 5.50
CA TYR A 140 -0.76 -3.78 6.80
C TYR A 140 0.44 -4.70 6.93
N SER A 141 0.67 -5.59 5.96
CA SER A 141 1.92 -6.35 5.93
C SER A 141 3.12 -5.45 5.63
N ALA A 142 2.89 -4.21 5.21
CA ALA A 142 3.99 -3.29 4.98
C ALA A 142 4.84 -3.12 6.23
N TYR A 143 4.24 -3.20 7.41
CA TYR A 143 4.95 -3.00 8.66
C TYR A 143 5.77 -4.21 9.08
N LEU A 144 5.79 -5.27 8.27
CA LEU A 144 6.80 -6.32 8.47
C LEU A 144 8.19 -5.78 8.22
N VAL A 145 8.31 -4.77 7.35
CA VAL A 145 9.61 -4.25 6.93
C VAL A 145 9.75 -2.75 7.15
N ALA A 146 8.66 -2.01 7.38
CA ALA A 146 8.70 -0.56 7.45
C ALA A 146 8.42 -0.09 8.87
N GLU A 147 9.19 0.89 9.33
CA GLU A 147 8.90 1.55 10.60
C GLU A 147 7.95 2.72 10.43
N LYS A 148 7.93 3.32 9.24
CA LYS A 148 6.97 4.36 8.89
C LYS A 148 6.51 4.16 7.46
N VAL A 149 5.21 4.36 7.22
CA VAL A 149 4.63 4.26 5.90
C VAL A 149 3.94 5.57 5.58
N THR A 150 4.24 6.13 4.40
CA THR A 150 3.65 7.37 3.92
C THR A 150 2.93 7.08 2.61
N VAL A 151 1.67 7.51 2.53
CA VAL A 151 0.82 7.21 1.38
C VAL A 151 0.34 8.52 0.77
N ILE A 152 0.67 8.74 -0.50
CA ILE A 152 0.21 9.89 -1.26
C ILE A 152 -0.78 9.37 -2.31
N THR A 153 -1.97 9.97 -2.35
CA THR A 153 -3.03 9.43 -3.18
C THR A 153 -3.87 10.56 -3.76
N LYS A 154 -4.47 10.30 -4.92
CA LYS A 154 -5.32 11.27 -5.60
C LYS A 154 -6.46 10.52 -6.30
N HIS A 155 -7.69 10.82 -5.89
CA HIS A 155 -8.89 10.30 -6.51
C HIS A 155 -9.56 11.40 -7.32
N ASN A 156 -10.17 11.01 -8.45
CA ASN A 156 -10.77 12.00 -9.35
C ASN A 156 -11.75 12.93 -8.64
N ASP A 157 -12.34 12.48 -7.53
CA ASP A 157 -13.42 13.21 -6.88
C ASP A 157 -12.96 13.97 -5.64
N ASP A 158 -11.65 14.12 -5.43
CA ASP A 158 -11.14 14.72 -4.21
C ASP A 158 -9.78 15.35 -4.49
N GLU A 159 -9.21 15.97 -3.46
CA GLU A 159 -7.89 16.58 -3.56
C GLU A 159 -6.81 15.54 -3.32
N GLN A 160 -5.56 15.96 -3.49
CA GLN A 160 -4.42 15.11 -3.17
C GLN A 160 -4.15 15.13 -1.68
N TYR A 161 -3.97 13.94 -1.10
CA TYR A 161 -3.80 13.81 0.35
C TYR A 161 -2.56 13.00 0.66
N ALA A 162 -2.08 13.18 1.89
CA ALA A 162 -0.93 12.45 2.42
C ALA A 162 -1.35 11.75 3.70
N TRP A 163 -1.29 10.42 3.70
CA TRP A 163 -1.59 9.59 4.85
C TRP A 163 -0.27 9.02 5.39
N GLU A 164 -0.14 8.98 6.70
CA GLU A 164 1.12 8.56 7.32
C GLU A 164 0.86 7.94 8.68
N SER A 165 1.66 6.93 9.01
CA SER A 165 1.56 6.28 10.31
C SER A 165 2.83 5.48 10.58
N SER A 166 3.34 5.60 11.80
CA SER A 166 4.38 4.72 12.33
C SER A 166 3.81 3.69 13.28
N ALA A 167 2.57 3.27 13.06
N ALA A 167 2.57 3.27 13.06
CA ALA A 167 1.88 2.37 13.99
CA ALA A 167 1.87 2.38 13.99
C ALA A 167 1.73 3.06 15.34
C ALA A 167 1.73 3.06 15.35
N GLY A 168 1.57 2.28 16.41
CA GLY A 168 1.40 2.84 17.73
C GLY A 168 -0.01 3.30 18.04
N GLY A 169 -0.96 3.11 17.13
CA GLY A 169 -2.35 3.38 17.40
C GLY A 169 -2.93 4.60 16.71
N SER A 170 -2.12 5.39 16.00
CA SER A 170 -2.59 6.63 15.42
C SER A 170 -2.05 6.80 14.00
N PHE A 171 -2.77 7.59 13.21
CA PHE A 171 -2.33 7.97 11.87
C PHE A 171 -2.78 9.40 11.59
N THR A 172 -2.12 10.02 10.62
CA THR A 172 -2.38 11.39 10.24
C THR A 172 -2.89 11.49 8.81
N VAL A 173 -3.59 12.58 8.52
CA VAL A 173 -4.09 12.88 7.19
C VAL A 173 -3.97 14.38 6.97
N ARG A 174 -3.34 14.78 5.87
N ARG A 174 -3.34 14.78 5.86
CA ARG A 174 -3.19 16.18 5.51
CA ARG A 174 -3.22 16.19 5.52
C ARG A 174 -3.33 16.33 4.00
C ARG A 174 -3.31 16.34 4.01
N THR A 175 -3.62 17.55 3.58
CA THR A 175 -3.59 17.88 2.15
C THR A 175 -2.14 17.95 1.70
N ASP A 176 -1.80 17.23 0.65
CA ASP A 176 -0.43 17.16 0.19
C ASP A 176 -0.04 18.43 -0.53
N THR A 177 1.20 18.88 -0.31
CA THR A 177 1.71 20.10 -0.91
C THR A 177 2.74 19.87 -2.00
N GLY A 178 3.21 18.63 -2.19
CA GLY A 178 4.27 18.34 -3.13
C GLY A 178 3.79 18.23 -4.56
N GLU A 179 4.53 17.45 -5.34
CA GLU A 179 4.23 17.33 -6.76
C GLU A 179 2.86 16.68 -6.97
N PRO A 180 1.99 17.27 -7.79
CA PRO A 180 0.72 16.60 -8.11
C PRO A 180 0.96 15.35 -8.92
N MET A 181 0.19 14.31 -8.62
CA MET A 181 0.33 13.02 -9.31
C MET A 181 -0.63 12.85 -10.48
N GLY A 182 -1.72 13.60 -10.51
CA GLY A 182 -2.74 13.39 -11.52
C GLY A 182 -3.81 12.43 -11.04
N ARG A 183 -3.42 11.19 -10.76
CA ARG A 183 -4.33 10.18 -10.22
C ARG A 183 -3.54 8.92 -9.89
N GLY A 184 -3.78 8.37 -8.71
CA GLY A 184 -3.15 7.13 -8.31
C GLY A 184 -2.73 7.16 -6.87
N THR A 185 -1.71 6.37 -6.54
CA THR A 185 -1.27 6.18 -5.17
C THR A 185 0.22 5.89 -5.15
N LYS A 186 0.91 6.52 -4.19
CA LYS A 186 2.31 6.24 -3.88
C LYS A 186 2.39 5.73 -2.45
N VAL A 187 2.88 4.50 -2.27
CA VAL A 187 3.14 3.94 -0.96
C VAL A 187 4.64 3.98 -0.71
N ILE A 188 5.06 4.80 0.25
CA ILE A 188 6.47 4.99 0.57
C ILE A 188 6.78 4.24 1.85
N LEU A 189 7.67 3.24 1.75
CA LEU A 189 8.03 2.40 2.87
C LEU A 189 9.37 2.88 3.43
N HIS A 190 9.34 3.50 4.60
CA HIS A 190 10.55 3.86 5.33
C HIS A 190 11.04 2.61 6.04
N LEU A 191 12.09 2.00 5.50
CA LEU A 191 12.47 0.64 5.88
C LEU A 191 13.24 0.61 7.19
N LYS A 192 13.05 -0.47 7.93
CA LYS A 192 13.84 -0.73 9.13
C LYS A 192 15.29 -0.98 8.75
N GLU A 193 16.17 -0.77 9.73
CA GLU A 193 17.61 -0.84 9.48
C GLU A 193 18.02 -2.21 8.95
N ASP A 194 17.40 -3.28 9.45
CA ASP A 194 17.80 -4.64 9.12
C ASP A 194 17.00 -5.25 7.97
N GLN A 195 16.29 -4.42 7.19
CA GLN A 195 15.46 -4.89 6.09
C GLN A 195 15.87 -4.24 4.77
N THR A 196 17.14 -3.82 4.66
CA THR A 196 17.59 -3.13 3.47
C THR A 196 17.76 -4.05 2.27
N GLU A 197 17.64 -5.36 2.44
CA GLU A 197 17.74 -6.27 1.31
C GLU A 197 16.68 -5.98 0.24
N TYR A 198 15.59 -5.33 0.62
CA TYR A 198 14.50 -5.03 -0.30
C TYR A 198 14.75 -3.75 -1.10
N LEU A 199 15.93 -3.17 -0.97
CA LEU A 199 16.38 -2.09 -1.86
C LEU A 199 17.31 -2.60 -2.95
N GLU A 200 17.59 -3.89 -2.98
CA GLU A 200 18.50 -4.47 -3.98
C GLU A 200 17.72 -4.91 -5.21
N GLU A 201 18.31 -4.65 -6.38
CA GLU A 201 17.62 -4.93 -7.64
C GLU A 201 17.36 -6.42 -7.81
N ARG A 202 18.39 -7.24 -7.56
N ARG A 202 18.37 -7.25 -7.54
N ARG A 202 18.39 -7.24 -7.56
CA ARG A 202 18.22 -8.68 -7.70
CA ARG A 202 18.19 -8.69 -7.74
CA ARG A 202 18.24 -8.68 -7.70
C ARG A 202 17.16 -9.23 -6.76
C ARG A 202 17.20 -9.27 -6.74
C ARG A 202 17.18 -9.24 -6.76
N ARG A 203 17.07 -8.66 -5.56
CA ARG A 203 16.09 -9.14 -4.58
C ARG A 203 14.67 -8.79 -5.03
N ILE A 204 14.47 -7.56 -5.51
CA ILE A 204 13.14 -7.16 -5.96
C ILE A 204 12.70 -8.00 -7.14
N LYS A 205 13.62 -8.27 -8.07
CA LYS A 205 13.30 -9.09 -9.23
C LYS A 205 12.83 -10.47 -8.79
N GLU A 206 13.55 -11.09 -7.86
CA GLU A 206 13.19 -12.43 -7.40
C GLU A 206 11.79 -12.46 -6.82
N ILE A 207 11.47 -11.50 -5.95
CA ILE A 207 10.17 -11.51 -5.28
C ILE A 207 9.05 -11.32 -6.30
N VAL A 208 9.27 -10.46 -7.30
CA VAL A 208 8.23 -10.19 -8.29
C VAL A 208 7.99 -11.43 -9.14
N LYS A 209 9.07 -12.03 -9.66
CA LYS A 209 8.92 -13.24 -10.47
C LYS A 209 8.28 -14.37 -9.68
N LYS A 210 8.47 -14.40 -8.37
N LYS A 210 8.52 -14.42 -8.37
CA LYS A 210 7.93 -15.48 -7.54
CA LYS A 210 8.01 -15.52 -7.56
C LYS A 210 6.41 -15.46 -7.54
C LYS A 210 6.54 -15.35 -7.23
N HIS A 211 5.81 -14.42 -6.95
N HIS A 211 6.10 -14.13 -6.93
CA HIS A 211 4.37 -14.34 -6.84
CA HIS A 211 4.73 -13.85 -6.51
C HIS A 211 3.79 -13.33 -7.83
C HIS A 211 3.94 -13.09 -7.56
N SER A 212 3.91 -12.04 -7.53
N SER A 212 4.38 -11.88 -7.90
CA SER A 212 3.36 -11.00 -8.39
CA SER A 212 3.59 -10.97 -8.73
C SER A 212 4.04 -11.03 -9.75
C SER A 212 3.78 -11.33 -10.20
N GLN A 213 3.57 -11.92 -10.62
N GLN A 213 2.96 -12.27 -10.66
CA GLN A 213 4.18 -12.12 -11.94
CA GLN A 213 2.88 -12.64 -12.07
C GLN A 213 3.15 -12.07 -13.06
C GLN A 213 1.51 -12.43 -12.66
N PHE A 214 1.95 -12.61 -12.84
N PHE A 214 0.45 -12.69 -11.90
CA PHE A 214 0.87 -12.51 -13.80
CA PHE A 214 -0.91 -12.54 -12.41
C PHE A 214 -0.07 -11.36 -13.43
C PHE A 214 -1.28 -11.09 -12.68
N ILE A 215 0.50 -10.16 -13.43
N ILE A 215 -0.58 -10.13 -12.06
CA ILE A 215 -0.24 -8.94 -13.15
CA ILE A 215 -0.92 -8.74 -12.27
C ILE A 215 -0.64 -8.31 -14.48
C ILE A 215 -0.75 -8.39 -13.74
N GLY A 216 -1.85 -7.74 -14.53
N GLY A 216 -1.81 -7.83 -14.33
CA GLY A 216 -2.41 -7.22 -15.75
CA GLY A 216 -1.82 -7.55 -15.76
C GLY A 216 -1.90 -5.87 -16.18
C GLY A 216 -1.61 -6.09 -16.09
N TYR A 217 -0.79 -5.39 -15.62
N TYR A 217 -0.58 -5.48 -15.51
CA TYR A 217 -0.27 -4.06 -15.95
CA TYR A 217 -0.20 -4.11 -15.80
C TYR A 217 1.24 -4.10 -15.89
C TYR A 217 1.33 -4.05 -15.76
N PRO A 218 1.92 -3.27 -16.67
N PRO A 218 1.95 -3.26 -16.63
CA PRO A 218 3.39 -3.31 -16.69
CA PRO A 218 3.42 -3.27 -16.70
C PRO A 218 3.99 -2.88 -15.37
C PRO A 218 4.05 -2.83 -15.39
N ILE A 219 4.91 -3.70 -14.86
CA ILE A 219 5.62 -3.42 -13.61
C ILE A 219 7.06 -3.05 -13.99
N THR A 220 7.45 -1.82 -13.70
CA THR A 220 8.74 -1.28 -14.10
C THR A 220 9.60 -1.04 -12.86
N LEU A 221 10.80 -1.63 -12.85
CA LEU A 221 11.74 -1.44 -11.77
C LEU A 221 12.71 -0.32 -12.14
N PHE A 222 12.77 0.71 -11.30
CA PHE A 222 13.68 1.83 -11.51
C PHE A 222 15.01 1.51 -10.84
N VAL A 223 16.05 1.31 -11.65
CA VAL A 223 17.37 1.00 -11.13
C VAL A 223 18.06 2.30 -10.71
N GLU A 224 18.68 2.27 -9.53
CA GLU A 224 19.28 3.47 -8.98
C GLU A 224 20.49 3.93 -9.78
N LYS A 225 20.72 5.23 -9.77
CA LYS A 225 21.95 5.82 -10.30
C LYS A 225 22.75 6.42 -9.15
N1 94M B . -4.66 1.83 -4.25
C2 94M B . -3.67 1.18 -3.61
N2 94M B . -2.45 1.14 -4.39
N3 94M B . -3.89 0.66 -2.37
C4 94M B . -5.09 0.78 -1.79
C5 94M B . -6.08 1.42 -2.43
C6 94M B . -5.85 1.95 -3.67
CL6 94M B . -7.10 2.83 -4.60
N7 94M B . -7.16 1.40 -1.63
C8 94M B . -6.83 0.75 -0.50
N9 94M B . -5.56 0.38 -0.60
CAA 94M B . -3.84 4.53 3.22
CAB 94M B . -4.57 2.41 5.48
CAC 94M B . -3.15 2.09 0.70
CAF 94M B . -5.39 0.56 3.98
CAH 94M B . -4.83 -0.36 0.41
NAI 94M B . -5.45 -0.06 2.78
OAM 94M B . -3.16 3.33 3.33
CAN 94M B . -4.62 1.71 4.13
CAP 94M B . -3.95 1.54 1.87
CAR 94M B . -4.74 0.40 1.73
CAS 94M B . -3.91 2.18 3.08
HN2 94M B . -2.02 0.41 -4.50
HN2A 94M B . -2.15 1.87 -4.76
H8 94M B . -7.40 0.59 0.21
HAA 94M B . -4.00 4.91 4.10
HAAA 94M B . -4.70 4.38 2.78
HAAB 94M B . -3.32 5.16 2.69
HAB 94M B . -4.92 3.32 5.39
HABA 94M B . -3.65 2.45 5.80
HABB 94M B . -5.11 1.92 6.12
HAC 94M B . -2.63 2.85 0.99
HACA 94M B . -3.75 2.36 -0.01
HACB 94M B . -2.55 1.40 0.37
HAF 94M B . -5.89 0.24 4.70
HAH 94M B . -3.92 -0.53 0.08
HAHA 94M B . -5.27 -1.21 0.56
MG MG C . 2.58 -0.98 17.70
MG MG D . 6.42 4.75 -16.36
#